data_4EI8
#
_entry.id   4EI8
#
_cell.length_a   54.753
_cell.length_b   66.033
_cell.length_c   58.350
_cell.angle_alpha   90.000
_cell.angle_beta   106.910
_cell.angle_gamma   90.000
#
_symmetry.space_group_name_H-M   'P 1 21 1'
#
loop_
_entity.id
_entity.type
_entity.pdbx_description
1 polymer 'Plasmid replication protein RepX'
2 water water
#
_entity_poly.entity_id   1
_entity_poly.type   'polypeptide(L)'
_entity_poly.pdbx_seq_one_letter_code
;(MSE)AGNFSEIESQGNISLKFGFLGLG(MSE)GGCAIAAECANKETQIKNNKYPYRAILVNTNSQDFNKIEIKNTGNVR
KIQLEGYEQGAARNPQVGEEAFVKHETKIFEAVKQEFEDRDFIWITCGLGGGTGTGALLKAIE(MSE)LYEHDYNFGLLL
TLPRDAEALKVLENATSRIRSIA(MSE)NQEAFGSIVLIDNAKLYRKFEEENPSALANEYTSYSNKYIADALHEINLVTS
SFTPFSDTHFDASEFAQVINTPGVLSLAKLELKSNQLDTENPLGYLTQLGNALEKGVLYDTEREELESAKKSALSIVTSP
LRAGRLYNFSFLNQ(MSE)ENFLKERTPYVDERPIAPYVNKHTTKKEEDIVKFYSVVAGLPLPKRVSDIIDEITRIKEER
EQANSKKSN
;
_entity_poly.pdbx_strand_id   A
#
# COMPACT_ATOMS: atom_id res chain seq x y z
N GLY A 3 -3.30 -15.00 2.84
CA GLY A 3 -4.30 -13.93 2.67
C GLY A 3 -5.62 -14.22 3.37
N ASN A 4 -5.53 -14.91 4.50
CA ASN A 4 -6.72 -15.25 5.28
C ASN A 4 -6.60 -14.62 6.66
N PHE A 5 -7.45 -13.64 6.93
CA PHE A 5 -7.43 -12.92 8.19
C PHE A 5 -8.72 -13.11 8.95
N SER A 6 -9.38 -14.24 8.71
CA SER A 6 -10.65 -14.53 9.36
C SER A 6 -10.56 -14.47 10.89
N GLU A 7 -9.57 -15.13 11.48
CA GLU A 7 -9.46 -15.11 12.94
C GLU A 7 -9.31 -13.69 13.47
N ILE A 8 -8.36 -12.95 12.93
CA ILE A 8 -8.13 -11.57 13.34
C ILE A 8 -9.35 -10.67 13.11
N GLU A 9 -10.02 -10.85 11.98
CA GLU A 9 -11.20 -10.05 11.65
C GLU A 9 -12.39 -10.25 12.60
N SER A 10 -12.76 -11.49 12.86
CA SER A 10 -13.90 -11.75 13.75
C SER A 10 -13.78 -10.95 15.05
N GLN A 11 -12.56 -10.81 15.54
CA GLN A 11 -12.34 -10.09 16.79
C GLN A 11 -11.76 -8.69 16.62
N GLY A 12 -11.37 -8.32 15.39
CA GLY A 12 -10.79 -6.99 15.20
C GLY A 12 -11.56 -6.06 14.27
N ASN A 13 -10.86 -5.07 13.71
CA ASN A 13 -11.50 -4.13 12.79
C ASN A 13 -10.47 -3.46 11.89
N ILE A 14 -10.96 -2.69 10.93
CA ILE A 14 -10.07 -1.99 10.02
C ILE A 14 -9.98 -0.54 10.46
N SER A 15 -8.85 0.11 10.19
CA SER A 15 -8.66 1.52 10.57
C SER A 15 -9.31 2.50 9.61
N LEU A 16 -9.19 2.25 8.32
CA LEU A 16 -9.73 3.20 7.34
C LEU A 16 -10.64 2.60 6.30
N LYS A 17 -11.78 3.24 6.07
CA LYS A 17 -12.72 2.76 5.05
C LYS A 17 -12.17 3.23 3.70
N PHE A 18 -11.43 2.34 3.04
CA PHE A 18 -10.84 2.67 1.77
C PHE A 18 -11.80 2.64 0.57
N GLY A 19 -11.59 3.58 -0.34
CA GLY A 19 -12.33 3.66 -1.57
C GLY A 19 -11.26 3.50 -2.64
N PHE A 20 -11.57 2.86 -3.75
CA PHE A 20 -10.58 2.68 -4.79
C PHE A 20 -11.11 3.18 -6.13
N LEU A 21 -10.42 4.17 -6.71
CA LEU A 21 -10.78 4.73 -8.01
C LEU A 21 -9.83 4.14 -9.04
N GLY A 22 -10.26 3.06 -9.68
CA GLY A 22 -9.44 2.42 -10.69
C GLY A 22 -9.55 3.09 -12.04
N LEU A 23 -8.42 3.17 -12.73
CA LEU A 23 -8.32 3.78 -14.05
C LEU A 23 -7.56 2.82 -14.92
N GLY A 24 -8.15 2.40 -16.03
CA GLY A 24 -7.43 1.48 -16.91
C GLY A 24 -7.57 0.05 -16.46
N MSE A 25 -7.19 -0.89 -17.33
CA MSE A 25 -7.35 -2.31 -17.00
C MSE A 25 -6.69 -2.76 -15.69
O MSE A 25 -7.35 -3.22 -14.77
CB MSE A 25 -6.86 -3.17 -18.17
CG MSE A 25 -7.46 -4.59 -18.22
SE MSE A 25 -9.44 -4.62 -18.36
CE MSE A 25 -9.61 -3.59 -20.00
N GLY A 26 -5.37 -2.61 -15.61
CA GLY A 26 -4.68 -3.00 -14.39
C GLY A 26 -5.29 -2.32 -13.18
N GLY A 27 -5.50 -1.02 -13.29
CA GLY A 27 -6.06 -0.28 -12.18
C GLY A 27 -7.41 -0.77 -11.74
N CYS A 28 -8.29 -0.99 -12.70
CA CYS A 28 -9.64 -1.47 -12.39
C CYS A 28 -9.63 -2.89 -11.82
N ALA A 29 -8.67 -3.69 -12.26
CA ALA A 29 -8.49 -5.07 -11.81
C ALA A 29 -8.12 -5.11 -10.32
N ILE A 30 -7.22 -4.22 -9.93
CA ILE A 30 -6.77 -4.12 -8.55
C ILE A 30 -7.93 -3.59 -7.74
N ALA A 31 -8.52 -2.48 -8.18
CA ALA A 31 -9.64 -1.88 -7.45
C ALA A 31 -10.76 -2.90 -7.21
N ALA A 32 -11.12 -3.63 -8.26
CA ALA A 32 -12.20 -4.61 -8.14
C ALA A 32 -11.87 -5.66 -7.07
N GLU A 33 -10.64 -6.18 -7.12
CA GLU A 33 -10.21 -7.18 -6.16
C GLU A 33 -10.33 -6.64 -4.73
N CYS A 34 -9.94 -5.38 -4.52
CA CYS A 34 -10.03 -4.81 -3.18
C CYS A 34 -11.48 -4.68 -2.74
N ALA A 35 -12.35 -4.24 -3.64
CA ALA A 35 -13.76 -4.05 -3.32
C ALA A 35 -14.53 -5.38 -3.13
N ASN A 36 -14.01 -6.44 -3.73
CA ASN A 36 -14.63 -7.77 -3.62
C ASN A 36 -14.25 -8.44 -2.31
N LYS A 37 -13.28 -7.85 -1.62
CA LYS A 37 -12.77 -8.34 -0.33
C LYS A 37 -13.89 -8.71 0.62
N GLU A 38 -13.92 -9.98 1.04
CA GLU A 38 -14.93 -10.44 1.98
C GLU A 38 -14.25 -10.74 3.31
N THR A 39 -14.77 -10.19 4.40
CA THR A 39 -14.19 -10.38 5.72
C THR A 39 -15.18 -10.89 6.77
N GLN A 40 -14.64 -11.30 7.93
CA GLN A 40 -15.45 -11.78 9.04
C GLN A 40 -15.64 -10.67 10.04
N ILE A 41 -15.20 -9.47 9.68
CA ILE A 41 -15.35 -8.33 10.57
C ILE A 41 -16.85 -8.17 10.75
N LYS A 42 -17.29 -8.13 12.00
CA LYS A 42 -18.71 -8.02 12.33
C LYS A 42 -19.35 -6.71 11.86
N ASN A 43 -20.41 -6.85 11.06
CA ASN A 43 -21.15 -5.72 10.49
C ASN A 43 -20.39 -5.00 9.38
N ASN A 44 -19.36 -5.66 8.84
CA ASN A 44 -18.57 -5.06 7.77
C ASN A 44 -17.97 -6.17 6.90
N LYS A 45 -18.87 -6.91 6.25
CA LYS A 45 -18.52 -8.01 5.38
C LYS A 45 -17.67 -7.52 4.20
N TYR A 46 -18.11 -6.45 3.56
CA TYR A 46 -17.39 -5.87 2.43
C TYR A 46 -17.03 -4.44 2.83
N PRO A 47 -15.85 -4.27 3.45
CA PRO A 47 -15.38 -2.95 3.89
C PRO A 47 -14.95 -1.98 2.81
N TYR A 48 -14.61 -2.48 1.61
CA TYR A 48 -14.11 -1.59 0.56
C TYR A 48 -15.04 -1.34 -0.63
N ARG A 49 -14.98 -0.11 -1.16
CA ARG A 49 -15.84 0.28 -2.29
C ARG A 49 -14.94 0.74 -3.43
N ALA A 50 -15.44 0.58 -4.66
CA ALA A 50 -14.66 0.93 -5.83
C ALA A 50 -15.49 1.44 -7.00
N ILE A 51 -14.85 2.29 -7.79
CA ILE A 51 -15.43 2.89 -8.98
C ILE A 51 -14.38 2.54 -10.02
N LEU A 52 -14.79 1.85 -11.07
CA LEU A 52 -13.86 1.42 -12.11
C LEU A 52 -14.09 2.21 -13.37
N VAL A 53 -13.11 3.01 -13.75
CA VAL A 53 -13.20 3.81 -14.95
C VAL A 53 -12.34 3.19 -16.02
N ASN A 54 -12.99 2.80 -17.11
CA ASN A 54 -12.28 2.19 -18.21
C ASN A 54 -13.06 2.38 -19.51
N THR A 55 -12.37 2.19 -20.62
CA THR A 55 -13.02 2.28 -21.92
C THR A 55 -13.85 0.98 -22.03
N ASN A 56 -14.73 0.90 -23.00
CA ASN A 56 -15.56 -0.30 -23.19
C ASN A 56 -14.72 -1.45 -23.71
N SER A 57 -14.90 -2.62 -23.11
CA SER A 57 -14.17 -3.81 -23.52
C SER A 57 -14.76 -5.03 -22.83
N GLN A 58 -14.52 -6.21 -23.41
CA GLN A 58 -15.01 -7.46 -22.83
C GLN A 58 -14.15 -7.81 -21.61
N ASP A 59 -12.86 -7.47 -21.66
CA ASP A 59 -11.97 -7.75 -20.54
C ASP A 59 -12.46 -6.98 -19.33
N PHE A 60 -13.06 -5.82 -19.62
CA PHE A 60 -13.59 -4.96 -18.59
C PHE A 60 -14.90 -5.56 -18.12
N LYS A 62 -16.03 -8.78 -17.60
CA LYS A 62 -15.18 -9.93 -17.27
C LYS A 62 -14.46 -9.77 -15.92
N ILE A 63 -14.48 -8.55 -15.38
CA ILE A 63 -13.84 -8.31 -14.09
C ILE A 63 -14.75 -8.80 -12.98
N THR A 68 -22.11 -7.57 -2.82
CA THR A 68 -21.75 -6.73 -3.96
C THR A 68 -22.48 -5.40 -3.92
N GLY A 69 -22.46 -4.68 -5.04
CA GLY A 69 -23.07 -3.37 -5.08
C GLY A 69 -22.00 -2.38 -4.61
N ASN A 70 -20.88 -2.93 -4.15
CA ASN A 70 -19.72 -2.17 -3.67
C ASN A 70 -18.86 -1.67 -4.82
N VAL A 71 -19.20 -2.08 -6.03
CA VAL A 71 -18.47 -1.69 -7.22
C VAL A 71 -19.37 -0.89 -8.16
N ARG A 72 -18.78 0.12 -8.80
CA ARG A 72 -19.48 0.98 -9.73
C ARG A 72 -18.61 1.03 -10.99
N LYS A 73 -19.17 0.62 -12.13
CA LYS A 73 -18.45 0.64 -13.39
C LYS A 73 -18.85 1.91 -14.15
N ILE A 74 -17.86 2.56 -14.76
CA ILE A 74 -18.11 3.76 -15.54
C ILE A 74 -17.41 3.59 -16.86
N GLN A 75 -18.19 3.37 -17.92
CA GLN A 75 -17.62 3.16 -19.24
C GLN A 75 -17.29 4.44 -19.99
N LEU A 76 -16.12 4.49 -20.59
CA LEU A 76 -15.68 5.66 -21.36
C LEU A 76 -15.90 5.41 -22.84
N GLU A 77 -16.61 4.31 -23.14
CA GLU A 77 -16.90 3.95 -24.52
C GLU A 77 -15.56 3.78 -25.24
N GLY A 78 -15.39 4.44 -26.38
CA GLY A 78 -14.14 4.32 -27.10
C GLY A 78 -13.95 2.95 -27.75
N TYR A 79 -14.97 2.10 -27.68
CA TYR A 79 -14.91 0.78 -28.30
C TYR A 79 -14.44 0.91 -29.75
N VAL A 89 -6.78 4.32 -21.21
CA VAL A 89 -7.68 5.46 -21.07
C VAL A 89 -6.88 6.77 -21.13
N GLY A 90 -7.32 7.67 -22.01
CA GLY A 90 -6.64 8.95 -22.19
C GLY A 90 -7.22 10.16 -21.48
N GLU A 91 -6.45 11.25 -21.44
CA GLU A 91 -6.89 12.45 -20.77
C GLU A 91 -8.22 12.94 -21.34
N GLU A 92 -8.32 12.88 -22.67
CA GLU A 92 -9.50 13.35 -23.39
C GLU A 92 -10.80 12.64 -22.98
N ALA A 93 -10.80 11.31 -23.04
CA ALA A 93 -11.98 10.53 -22.67
C ALA A 93 -12.32 10.72 -21.19
N PHE A 94 -11.31 10.97 -20.37
CA PHE A 94 -11.55 11.17 -18.95
C PHE A 94 -12.26 12.50 -18.75
N VAL A 95 -11.72 13.55 -19.33
CA VAL A 95 -12.31 14.87 -19.20
C VAL A 95 -13.73 14.89 -19.77
N LYS A 96 -13.96 14.14 -20.85
CA LYS A 96 -15.28 14.08 -21.48
C LYS A 96 -16.34 13.30 -20.72
N HIS A 97 -15.94 12.64 -19.65
CA HIS A 97 -16.89 11.91 -18.84
C HIS A 97 -16.69 12.29 -17.37
N GLU A 98 -15.93 13.37 -17.16
CA GLU A 98 -15.65 13.80 -15.79
C GLU A 98 -16.87 14.07 -14.92
N THR A 99 -17.95 14.59 -15.53
CA THR A 99 -19.14 14.87 -14.74
C THR A 99 -19.73 13.58 -14.19
N LYS A 100 -19.85 12.55 -15.04
CA LYS A 100 -20.40 11.27 -14.61
C LYS A 100 -19.41 10.57 -13.66
N ILE A 101 -18.13 10.73 -13.93
CA ILE A 101 -17.10 10.14 -13.07
C ILE A 101 -17.25 10.74 -11.67
N PHE A 102 -17.23 12.07 -11.60
CA PHE A 102 -17.34 12.72 -10.31
C PHE A 102 -18.67 12.43 -9.61
N GLU A 103 -19.77 12.38 -10.37
CA GLU A 103 -21.06 12.07 -9.75
C GLU A 103 -20.97 10.71 -9.08
N ALA A 104 -20.33 9.74 -9.72
CA ALA A 104 -20.19 8.42 -9.11
C ALA A 104 -19.34 8.54 -7.83
N VAL A 105 -18.27 9.34 -7.86
CA VAL A 105 -17.43 9.53 -6.67
C VAL A 105 -18.26 10.11 -5.53
N LYS A 106 -19.07 11.11 -5.88
CA LYS A 106 -19.91 11.77 -4.89
C LYS A 106 -20.93 10.81 -4.25
N GLN A 107 -21.41 9.85 -5.05
CA GLN A 107 -22.43 8.91 -4.58
C GLN A 107 -21.92 7.62 -3.94
N GLU A 108 -20.69 7.24 -4.27
CA GLU A 108 -20.11 6.01 -3.74
C GLU A 108 -19.09 6.20 -2.63
N PHE A 109 -18.41 7.34 -2.60
CA PHE A 109 -17.35 7.53 -1.61
C PHE A 109 -17.61 8.48 -0.47
N GLU A 110 -18.88 8.78 -0.19
CA GLU A 110 -19.19 9.70 0.89
C GLU A 110 -18.74 9.21 2.26
N ASP A 111 -18.83 7.90 2.50
CA ASP A 111 -18.42 7.34 3.80
C ASP A 111 -16.96 6.84 3.84
N ARG A 112 -16.18 7.13 2.80
CA ARG A 112 -14.80 6.67 2.78
C ARG A 112 -13.87 7.59 3.55
N ASP A 113 -12.81 7.01 4.12
CA ASP A 113 -11.82 7.79 4.86
C ASP A 113 -10.67 8.18 3.94
N PHE A 114 -10.42 7.36 2.94
CA PHE A 114 -9.27 7.63 2.06
C PHE A 114 -9.48 6.95 0.73
N ILE A 115 -9.17 7.66 -0.34
CA ILE A 115 -9.32 7.10 -1.66
C ILE A 115 -7.95 6.81 -2.31
N TRP A 116 -7.83 5.63 -2.92
CA TRP A 116 -6.63 5.25 -3.64
C TRP A 116 -6.98 5.36 -5.14
N ILE A 117 -6.33 6.25 -5.87
CA ILE A 117 -6.54 6.30 -7.32
C ILE A 117 -5.60 5.19 -7.77
N THR A 118 -6.18 4.14 -8.33
CA THR A 118 -5.42 2.96 -8.72
C THR A 118 -5.16 2.92 -10.20
N CYS A 119 -3.88 2.98 -10.55
CA CYS A 119 -3.51 3.05 -11.95
C CYS A 119 -2.20 2.33 -12.30
N GLY A 120 -2.15 1.75 -13.48
CA GLY A 120 -0.94 1.09 -13.94
C GLY A 120 -0.14 2.11 -14.72
N LEU A 121 1.17 2.13 -14.53
CA LEU A 121 2.01 3.07 -15.29
C LEU A 121 2.62 2.28 -16.43
N GLY A 122 2.93 2.96 -17.53
CA GLY A 122 3.52 2.28 -18.67
C GLY A 122 2.51 1.41 -19.38
N GLY A 123 1.32 1.29 -18.81
CA GLY A 123 0.27 0.50 -19.43
C GLY A 123 -0.60 1.32 -20.35
N GLY A 124 -1.82 0.83 -20.59
CA GLY A 124 -2.75 1.51 -21.48
C GLY A 124 -3.56 2.66 -20.90
N THR A 125 -3.08 3.22 -19.78
CA THR A 125 -3.77 4.35 -19.15
C THR A 125 -2.73 5.45 -18.96
N GLY A 126 -2.88 6.53 -19.71
CA GLY A 126 -1.92 7.61 -19.62
C GLY A 126 -1.88 8.39 -18.31
N THR A 127 -0.70 8.95 -18.05
CA THR A 127 -0.50 9.79 -16.88
C THR A 127 -1.37 11.04 -17.04
N GLY A 128 -1.83 11.30 -18.27
CA GLY A 128 -2.68 12.44 -18.52
C GLY A 128 -4.05 12.25 -17.83
N ALA A 129 -4.62 11.06 -17.93
CA ALA A 129 -5.89 10.81 -17.27
C ALA A 129 -5.63 10.76 -15.76
N LEU A 130 -4.50 10.18 -15.38
CA LEU A 130 -4.16 10.08 -13.95
C LEU A 130 -4.10 11.47 -13.31
N LEU A 131 -3.49 12.42 -13.99
CA LEU A 131 -3.39 13.78 -13.42
C LEU A 131 -4.76 14.42 -13.30
N LYS A 132 -5.64 14.14 -14.27
CA LYS A 132 -6.97 14.73 -14.22
C LYS A 132 -7.76 14.19 -13.02
N ALA A 133 -7.59 12.90 -12.69
CA ALA A 133 -8.29 12.32 -11.54
C ALA A 133 -7.75 12.92 -10.24
N ILE A 134 -6.45 13.17 -10.21
CA ILE A 134 -5.79 13.76 -9.04
C ILE A 134 -6.30 15.20 -8.86
N GLU A 135 -6.44 15.92 -9.96
CA GLU A 135 -6.94 17.28 -9.92
C GLU A 135 -8.38 17.27 -9.43
N MSE A 136 -9.14 16.30 -9.89
CA MSE A 136 -10.54 16.18 -9.48
C MSE A 136 -10.72 16.01 -7.97
O MSE A 136 -11.41 16.80 -7.31
CB MSE A 136 -11.20 15.00 -10.21
CG MSE A 136 -12.66 14.74 -9.80
SE MSE A 136 -13.37 13.22 -10.81
CE MSE A 136 -12.43 13.55 -12.40
N LEU A 137 -10.11 14.95 -7.45
CA LEU A 137 -10.21 14.67 -6.03
C LEU A 137 -9.62 15.79 -5.18
N TYR A 138 -8.55 16.43 -5.66
CA TYR A 138 -7.93 17.53 -4.91
C TYR A 138 -8.86 18.76 -4.89
N GLU A 139 -9.38 19.13 -6.04
CA GLU A 139 -10.24 20.30 -6.12
C GLU A 139 -11.49 20.09 -5.27
N HIS A 140 -11.91 18.84 -5.11
CA HIS A 140 -13.08 18.55 -4.29
C HIS A 140 -12.76 18.20 -2.83
N ASP A 141 -11.51 18.46 -2.41
CA ASP A 141 -11.12 18.26 -1.01
C ASP A 141 -11.21 16.84 -0.43
N TYR A 142 -10.90 15.82 -1.24
CA TYR A 142 -10.89 14.45 -0.74
C TYR A 142 -9.50 14.10 -0.14
N ASN A 143 -9.47 13.10 0.73
CA ASN A 143 -8.22 12.60 1.31
C ASN A 143 -7.91 11.47 0.35
N PHE A 144 -6.78 11.55 -0.35
CA PHE A 144 -6.50 10.51 -1.31
C PHE A 144 -5.02 10.34 -1.60
N GLY A 145 -4.71 9.18 -2.17
CA GLY A 145 -3.36 8.84 -2.52
C GLY A 145 -3.35 8.06 -3.83
N LEU A 146 -2.18 7.55 -4.18
CA LEU A 146 -1.98 6.82 -5.42
C LEU A 146 -1.49 5.39 -5.15
N LEU A 147 -2.05 4.44 -5.90
CA LEU A 147 -1.69 3.03 -5.77
C LEU A 147 -1.33 2.68 -7.22
N LEU A 148 -0.03 2.76 -7.53
CA LEU A 148 0.43 2.55 -8.90
C LEU A 148 1.39 1.38 -9.13
N THR A 149 1.17 0.67 -10.23
CA THR A 149 2.06 -0.44 -10.58
C THR A 149 3.11 0.05 -11.57
N LEU A 150 4.30 -0.51 -11.46
CA LEU A 150 5.39 -0.21 -12.38
C LEU A 150 5.48 -1.51 -13.20
N PRO A 151 5.71 -1.39 -14.51
CA PRO A 151 5.80 -2.56 -15.40
C PRO A 151 7.01 -3.47 -15.26
N ARG A 152 6.78 -4.75 -15.51
CA ARG A 152 7.84 -5.76 -15.46
C ARG A 152 8.86 -5.34 -16.52
N ASP A 153 8.34 -4.91 -17.67
CA ASP A 153 9.15 -4.50 -18.79
C ASP A 153 9.54 -3.02 -18.76
N ALA A 154 10.83 -2.75 -18.56
CA ALA A 154 11.33 -1.38 -18.51
C ALA A 154 10.92 -0.62 -19.75
N GLU A 155 11.07 -1.26 -20.91
CA GLU A 155 10.72 -0.67 -22.20
C GLU A 155 9.32 -0.04 -22.17
N ALA A 156 8.44 -0.59 -21.33
CA ALA A 156 7.08 -0.09 -21.21
C ALA A 156 7.03 1.30 -20.55
N LEU A 157 8.03 1.60 -19.73
CA LEU A 157 8.08 2.90 -19.07
C LEU A 157 8.49 4.05 -19.99
N LYS A 158 8.96 3.75 -21.20
CA LYS A 158 9.38 4.80 -22.12
C LYS A 158 8.17 5.62 -22.53
N VAL A 159 7.01 5.02 -22.37
CA VAL A 159 5.76 5.68 -22.68
C VAL A 159 5.70 6.96 -21.84
N LEU A 160 6.27 6.91 -20.62
CA LEU A 160 6.24 8.06 -19.71
C LEU A 160 7.00 9.24 -20.28
N GLU A 161 7.82 9.01 -21.30
CA GLU A 161 8.57 10.09 -21.91
C GLU A 161 7.89 10.65 -23.17
N ASN A 162 6.70 10.13 -23.49
CA ASN A 162 5.99 10.59 -24.68
C ASN A 162 5.44 12.01 -24.51
N ALA A 163 5.19 12.66 -25.65
CA ALA A 163 4.72 14.05 -25.70
C ALA A 163 3.52 14.43 -24.84
N THR A 164 2.62 13.49 -24.59
CA THR A 164 1.44 13.77 -23.79
C THR A 164 1.60 13.35 -22.33
N SER A 165 2.77 12.88 -21.95
CA SER A 165 2.98 12.43 -20.58
C SER A 165 2.90 13.57 -19.55
N ARG A 166 2.23 13.31 -18.43
CA ARG A 166 2.15 14.33 -17.41
C ARG A 166 2.84 13.85 -16.13
N ILE A 167 3.74 12.87 -16.27
CA ILE A 167 4.43 12.34 -15.10
C ILE A 167 5.17 13.44 -14.32
N ARG A 168 5.71 14.42 -15.03
CA ARG A 168 6.43 15.53 -14.38
C ARG A 168 5.55 16.42 -13.47
N SER A 169 4.33 16.73 -13.92
CA SER A 169 3.40 17.54 -13.13
C SER A 169 2.93 16.74 -11.90
N ILE A 170 2.78 15.44 -12.05
CA ILE A 170 2.37 14.61 -10.92
C ILE A 170 3.50 14.60 -9.87
N ALA A 171 4.74 14.33 -10.31
CA ALA A 171 5.90 14.28 -9.42
C ALA A 171 6.11 15.61 -8.69
N MSE A 172 6.02 16.70 -9.43
CA MSE A 172 6.21 18.04 -8.88
C MSE A 172 5.10 18.47 -7.93
O MSE A 172 5.25 19.39 -7.14
CB MSE A 172 6.28 19.08 -10.00
CG MSE A 172 7.63 19.32 -10.62
SE MSE A 172 7.37 20.60 -12.08
CE MSE A 172 7.22 22.25 -11.09
N ASN A 173 3.94 17.81 -8.01
CA ASN A 173 2.84 18.19 -7.13
C ASN A 173 2.49 17.16 -6.06
N GLN A 174 3.46 16.32 -5.71
CA GLN A 174 3.22 15.31 -4.69
C GLN A 174 2.64 15.88 -3.39
N GLU A 175 3.01 17.11 -3.07
CA GLU A 175 2.52 17.74 -1.85
C GLU A 175 1.03 17.99 -1.86
N ALA A 176 0.39 17.94 -3.03
CA ALA A 176 -1.05 18.15 -3.10
C ALA A 176 -1.88 16.99 -2.52
N PHE A 177 -1.30 15.80 -2.43
CA PHE A 177 -2.03 14.64 -1.96
C PHE A 177 -1.26 13.72 -1.00
N GLY A 178 -1.83 12.55 -0.72
CA GLY A 178 -1.18 11.61 0.18
C GLY A 178 -0.17 10.63 -0.43
N SER A 179 0.08 9.55 0.31
CA SER A 179 1.06 8.56 -0.08
C SER A 179 0.91 7.91 -1.44
N ILE A 180 2.06 7.59 -2.01
CA ILE A 180 2.10 6.92 -3.29
C ILE A 180 2.60 5.52 -3.00
N VAL A 181 1.71 4.54 -3.09
CA VAL A 181 2.13 3.17 -2.86
C VAL A 181 2.51 2.57 -4.18
N LEU A 182 3.80 2.31 -4.36
CA LEU A 182 4.31 1.74 -5.60
C LEU A 182 4.33 0.22 -5.52
N ILE A 183 4.01 -0.41 -6.64
CA ILE A 183 3.96 -1.86 -6.74
C ILE A 183 4.87 -2.22 -7.91
N ASP A 184 5.88 -3.02 -7.60
CA ASP A 184 6.85 -3.45 -8.60
C ASP A 184 6.42 -4.79 -9.18
N ASN A 185 5.84 -4.77 -10.37
CA ASN A 185 5.39 -6.00 -11.02
C ASN A 185 6.51 -7.02 -11.22
N ALA A 186 7.73 -6.55 -11.50
CA ALA A 186 8.84 -7.48 -11.68
C ALA A 186 8.99 -8.28 -10.40
N LYS A 187 8.86 -7.57 -9.27
CA LYS A 187 8.97 -8.17 -7.95
C LYS A 187 7.87 -9.16 -7.64
N LEU A 188 6.62 -8.77 -7.89
CA LEU A 188 5.53 -9.66 -7.58
C LEU A 188 5.50 -10.89 -8.48
N TYR A 189 6.00 -10.74 -9.71
CA TYR A 189 6.01 -11.86 -10.64
C TYR A 189 6.97 -12.94 -10.13
N ARG A 190 8.14 -12.52 -9.62
CA ARG A 190 9.13 -13.45 -9.09
C ARG A 190 8.57 -14.18 -7.86
N LYS A 191 7.88 -13.44 -7.00
CA LYS A 191 7.29 -14.03 -5.82
C LYS A 191 6.27 -15.04 -6.31
N PHE A 192 5.54 -14.67 -7.36
CA PHE A 192 4.53 -15.54 -7.95
C PHE A 192 5.17 -16.83 -8.47
N GLU A 193 6.31 -16.71 -9.14
CA GLU A 193 7.03 -17.85 -9.69
C GLU A 193 7.58 -18.76 -8.58
N GLU A 194 8.41 -18.18 -7.72
CA GLU A 194 9.03 -18.90 -6.62
C GLU A 194 7.96 -19.51 -5.71
N GLU A 195 6.77 -18.93 -5.73
CA GLU A 195 5.65 -19.39 -4.91
C GLU A 195 4.90 -20.52 -5.60
N ASN A 196 4.58 -20.29 -6.87
CA ASN A 196 3.84 -21.27 -7.66
C ASN A 196 4.64 -21.63 -8.91
N PRO A 197 5.69 -22.43 -8.74
CA PRO A 197 6.54 -22.83 -9.86
C PRO A 197 5.80 -23.58 -10.97
N SER A 198 4.64 -24.15 -10.64
CA SER A 198 3.82 -24.90 -11.58
C SER A 198 2.71 -24.10 -12.26
N ALA A 199 2.44 -22.90 -11.75
CA ALA A 199 1.38 -22.07 -12.32
C ALA A 199 1.78 -21.49 -13.68
N LEU A 200 0.79 -21.09 -14.47
CA LEU A 200 1.02 -20.50 -15.79
C LEU A 200 0.98 -18.98 -15.68
N ALA A 201 1.78 -18.30 -16.50
CA ALA A 201 1.82 -16.84 -16.47
C ALA A 201 0.41 -16.27 -16.48
N ASN A 202 -0.43 -16.88 -17.30
CA ASN A 202 -1.83 -16.46 -17.42
C ASN A 202 -2.51 -16.36 -16.05
N GLU A 203 -1.91 -16.96 -15.02
CA GLU A 203 -2.48 -16.93 -13.68
C GLU A 203 -1.93 -15.79 -12.80
N TYR A 204 -0.84 -15.17 -13.21
CA TYR A 204 -0.20 -14.09 -12.46
C TYR A 204 -1.10 -12.93 -12.00
N THR A 205 -1.82 -12.32 -12.92
CA THR A 205 -2.70 -11.18 -12.60
C THR A 205 -3.57 -11.46 -11.38
N SER A 206 -4.26 -12.59 -11.41
CA SER A 206 -5.13 -13.00 -10.31
C SER A 206 -4.37 -13.01 -9.00
N TYR A 207 -3.21 -13.66 -9.00
CA TYR A 207 -2.36 -13.73 -7.83
C TYR A 207 -1.92 -12.32 -7.39
N SER A 208 -1.45 -11.53 -8.36
CA SER A 208 -0.99 -10.17 -8.12
C SER A 208 -2.06 -9.30 -7.47
N ASN A 209 -3.22 -9.17 -8.11
CA ASN A 209 -4.32 -8.37 -7.56
C ASN A 209 -4.60 -8.75 -6.11
N LYS A 210 -4.59 -10.07 -5.84
CA LYS A 210 -4.86 -10.59 -4.51
C LYS A 210 -3.78 -10.24 -3.49
N TYR A 211 -2.53 -10.25 -3.96
CA TYR A 211 -1.41 -9.95 -3.09
C TYR A 211 -1.47 -8.47 -2.68
N ILE A 212 -1.81 -7.60 -3.64
CA ILE A 212 -1.92 -6.16 -3.39
C ILE A 212 -3.07 -5.90 -2.42
N ALA A 213 -4.24 -6.45 -2.74
CA ALA A 213 -5.40 -6.28 -1.87
C ALA A 213 -5.12 -6.76 -0.44
N ASP A 214 -4.46 -7.91 -0.31
CA ASP A 214 -4.12 -8.46 0.98
C ASP A 214 -3.11 -7.61 1.76
N ALA A 215 -2.12 -7.08 1.05
CA ALA A 215 -1.10 -6.25 1.68
C ALA A 215 -1.74 -5.00 2.32
N LEU A 216 -2.60 -4.30 1.57
CA LEU A 216 -3.25 -3.11 2.09
C LEU A 216 -4.26 -3.43 3.18
N HIS A 217 -4.98 -4.54 3.01
CA HIS A 217 -5.98 -4.96 3.98
C HIS A 217 -5.30 -5.37 5.28
N GLU A 218 -4.18 -6.06 5.18
CA GLU A 218 -3.47 -6.50 6.38
C GLU A 218 -3.02 -5.37 7.30
N ILE A 219 -2.36 -4.36 6.75
CA ILE A 219 -1.91 -3.28 7.61
C ILE A 219 -3.10 -2.47 8.15
N ASN A 220 -4.14 -2.36 7.33
CA ASN A 220 -5.34 -1.64 7.72
C ASN A 220 -5.99 -2.36 8.94
N LEU A 221 -5.89 -3.69 8.93
CA LEU A 221 -6.45 -4.56 9.99
C LEU A 221 -5.59 -4.57 11.26
N VAL A 222 -4.31 -4.84 11.10
CA VAL A 222 -3.35 -4.88 12.21
C VAL A 222 -3.40 -3.61 13.05
N THR A 223 -3.61 -2.47 12.41
CA THR A 223 -3.63 -1.21 13.14
C THR A 223 -4.90 -0.91 13.96
N SER A 224 -5.90 -1.80 13.91
CA SER A 224 -7.11 -1.63 14.73
C SER A 224 -7.60 -2.99 15.27
N SER A 225 -6.71 -3.99 15.37
CA SER A 225 -7.14 -5.31 15.82
C SER A 225 -6.51 -5.97 17.03
N PHE A 226 -5.48 -5.37 17.62
CA PHE A 226 -4.85 -6.03 18.77
C PHE A 226 -4.81 -5.16 20.03
N THR A 227 -4.24 -5.68 21.11
CA THR A 227 -4.18 -4.94 22.36
C THR A 227 -2.83 -4.29 22.57
N PRO A 228 -2.79 -2.95 22.69
CA PRO A 228 -1.51 -2.28 22.90
C PRO A 228 -0.94 -2.64 24.27
N PHE A 229 0.34 -2.91 24.30
CA PHE A 229 1.00 -3.32 25.52
C PHE A 229 1.39 -2.08 26.32
N SER A 230 1.68 -0.98 25.62
CA SER A 230 2.09 0.25 26.28
C SER A 230 1.24 1.43 25.83
N ASP A 231 1.74 2.63 26.14
CA ASP A 231 1.06 3.87 25.77
C ASP A 231 1.46 4.29 24.34
N THR A 232 2.42 3.60 23.76
CA THR A 232 2.85 3.93 22.39
C THR A 232 2.03 3.09 21.43
N HIS A 233 1.26 3.77 20.59
CA HIS A 233 0.38 3.10 19.66
C HIS A 233 0.62 3.36 18.19
N PHE A 234 0.16 2.42 17.36
CA PHE A 234 0.18 2.57 15.92
C PHE A 234 -1.29 2.21 15.62
N ASP A 235 -2.17 3.18 15.85
CA ASP A 235 -3.61 2.96 15.68
C ASP A 235 -4.16 3.60 14.42
N ALA A 236 -5.49 3.55 14.28
CA ALA A 236 -6.12 4.08 13.09
C ALA A 236 -5.72 5.52 12.77
N SER A 237 -5.60 6.32 13.81
CA SER A 237 -5.25 7.73 13.66
C SER A 237 -3.79 7.92 13.22
N GLU A 238 -2.90 7.06 13.72
CA GLU A 238 -1.52 7.16 13.32
C GLU A 238 -1.36 6.58 11.89
N PHE A 239 -2.16 5.58 11.58
CA PHE A 239 -2.13 4.96 10.25
C PHE A 239 -2.61 6.00 9.24
N ALA A 240 -3.66 6.75 9.62
CA ALA A 240 -4.21 7.79 8.75
C ALA A 240 -3.16 8.86 8.44
N GLN A 241 -2.43 9.26 9.47
CA GLN A 241 -1.35 10.25 9.38
C GLN A 241 -0.28 9.83 8.38
N VAL A 242 0.18 8.59 8.53
CA VAL A 242 1.21 8.07 7.66
C VAL A 242 0.73 7.94 6.20
N ILE A 243 -0.45 7.36 6.02
CA ILE A 243 -1.06 7.15 4.71
C ILE A 243 -1.35 8.47 3.98
N ASN A 244 -1.59 9.53 4.74
CA ASN A 244 -1.87 10.83 4.17
C ASN A 244 -0.61 11.66 3.99
N THR A 245 0.55 11.02 4.18
CA THR A 245 1.84 11.72 4.03
C THR A 245 2.27 11.72 2.56
N PRO A 246 2.66 12.89 2.03
CA PRO A 246 3.09 12.95 0.63
C PRO A 246 4.36 12.15 0.38
N GLY A 247 4.52 11.66 -0.85
CA GLY A 247 5.70 10.89 -1.19
C GLY A 247 5.39 9.40 -1.25
N VAL A 248 6.43 8.61 -1.49
CA VAL A 248 6.29 7.17 -1.60
C VAL A 248 6.20 6.52 -0.22
N LEU A 249 5.41 5.46 -0.15
CA LEU A 249 5.21 4.77 1.10
C LEU A 249 5.53 3.29 0.84
N SER A 250 6.24 2.68 1.80
CA SER A 250 6.62 1.28 1.69
C SER A 250 6.15 0.51 2.92
N LEU A 251 5.64 -0.69 2.67
CA LEU A 251 5.12 -1.56 3.75
C LEU A 251 6.14 -2.65 3.93
N ALA A 252 6.38 -3.06 5.16
CA ALA A 252 7.33 -4.11 5.41
C ALA A 252 6.71 -5.06 6.43
N LYS A 253 7.09 -6.33 6.38
CA LYS A 253 6.53 -7.31 7.29
C LYS A 253 7.58 -8.37 7.59
N LEU A 254 7.59 -8.86 8.83
CA LEU A 254 8.54 -9.89 9.22
C LEU A 254 7.97 -10.78 10.33
N GLU A 255 8.34 -12.05 10.29
CA GLU A 255 7.93 -13.00 11.31
C GLU A 255 9.17 -13.75 11.74
N LEU A 256 9.37 -13.82 13.05
CA LEU A 256 10.51 -14.50 13.64
C LEU A 256 10.03 -15.29 14.85
N LYS A 257 10.93 -16.11 15.39
CA LYS A 257 10.64 -16.89 16.58
C LYS A 257 11.23 -16.12 17.76
N SER A 258 10.61 -16.27 18.93
CA SER A 258 11.03 -15.59 20.16
C SER A 258 12.53 -15.71 20.44
N ASN A 259 13.07 -16.89 20.26
CA ASN A 259 14.48 -17.14 20.54
C ASN A 259 15.49 -16.33 19.75
N GLN A 260 15.05 -15.70 18.66
CA GLN A 260 15.98 -14.90 17.86
C GLN A 260 16.07 -13.48 18.35
N LEU A 261 15.05 -13.04 19.06
CA LEU A 261 15.07 -11.70 19.58
C LEU A 261 15.93 -11.68 20.84
N ASP A 262 17.22 -11.87 20.64
CA ASP A 262 18.18 -11.85 21.72
C ASP A 262 18.97 -10.54 21.65
N THR A 263 18.64 -9.62 22.53
CA THR A 263 19.29 -8.32 22.56
C THR A 263 20.78 -8.37 22.88
N GLU A 264 21.31 -9.57 23.15
CA GLU A 264 22.73 -9.72 23.45
C GLU A 264 23.47 -10.15 22.19
N ASN A 265 22.72 -10.66 21.21
CA ASN A 265 23.26 -11.06 19.93
C ASN A 265 22.23 -10.52 18.96
N PRO A 266 22.13 -9.19 18.87
CA PRO A 266 21.16 -8.52 18.01
C PRO A 266 21.22 -8.65 16.50
N LEU A 267 22.37 -9.01 15.93
CA LEU A 267 22.51 -9.14 14.47
C LEU A 267 21.55 -10.10 13.75
N GLY A 268 21.18 -11.19 14.38
CA GLY A 268 20.29 -12.12 13.68
C GLY A 268 18.94 -11.50 13.37
N TYR A 269 18.28 -11.05 14.42
CA TYR A 269 16.98 -10.47 14.23
C TYR A 269 17.03 -9.09 13.54
N LEU A 270 18.00 -8.25 13.90
CA LEU A 270 18.10 -6.94 13.27
C LEU A 270 18.48 -7.05 11.80
N THR A 271 19.23 -8.08 11.43
CA THR A 271 19.61 -8.26 10.03
C THR A 271 18.34 -8.53 9.26
N GLN A 272 17.52 -9.41 9.82
CA GLN A 272 16.24 -9.78 9.22
C GLN A 272 15.34 -8.56 9.12
N LEU A 273 15.34 -7.72 10.14
CA LEU A 273 14.48 -6.54 10.12
C LEU A 273 14.98 -5.53 9.09
N GLY A 274 16.28 -5.26 9.08
CA GLY A 274 16.82 -4.34 8.11
C GLY A 274 16.50 -4.82 6.70
N ASN A 275 16.63 -6.13 6.46
CA ASN A 275 16.36 -6.67 5.12
C ASN A 275 14.91 -6.51 4.74
N ALA A 276 14.02 -6.62 5.72
CA ALA A 276 12.59 -6.49 5.46
C ALA A 276 12.27 -5.03 5.10
N LEU A 277 12.96 -4.10 5.73
CA LEU A 277 12.72 -2.68 5.45
C LEU A 277 13.09 -2.33 4.02
N GLU A 278 14.17 -2.92 3.50
CA GLU A 278 14.61 -2.67 2.13
C GLU A 278 13.83 -3.49 1.11
N LYS A 279 13.61 -4.76 1.41
CA LYS A 279 12.86 -5.64 0.52
C LYS A 279 11.42 -5.64 1.05
N GLY A 280 10.67 -4.58 0.73
CA GLY A 280 9.31 -4.45 1.21
C GLY A 280 8.30 -5.45 0.67
N VAL A 281 7.04 -5.28 1.02
CA VAL A 281 5.99 -6.19 0.55
C VAL A 281 5.60 -5.94 -0.91
N LEU A 282 5.66 -4.69 -1.36
CA LEU A 282 5.27 -4.40 -2.74
C LEU A 282 6.35 -3.71 -3.57
N TYR A 283 7.35 -3.18 -2.88
CA TYR A 283 8.42 -2.44 -3.55
C TYR A 283 9.70 -2.53 -2.74
N ASP A 284 10.84 -2.44 -3.41
CA ASP A 284 12.12 -2.47 -2.71
C ASP A 284 12.71 -1.07 -2.56
N THR A 285 13.20 -0.75 -1.38
CA THR A 285 13.76 0.57 -1.11
C THR A 285 15.25 0.50 -0.81
N GLU A 286 16.02 1.43 -1.37
CA GLU A 286 17.46 1.51 -1.14
C GLU A 286 17.66 2.09 0.25
N ARG A 287 18.80 1.76 0.85
CA ARG A 287 19.15 2.26 2.16
C ARG A 287 19.15 3.78 2.14
N GLU A 288 19.68 4.36 1.07
CA GLU A 288 19.76 5.81 0.94
C GLU A 288 18.40 6.48 0.74
N GLU A 289 17.44 5.77 0.17
CA GLU A 289 16.11 6.35 -0.03
C GLU A 289 15.38 6.33 1.31
N LEU A 290 15.55 5.23 2.06
CA LEU A 290 14.91 5.07 3.38
C LEU A 290 15.37 6.17 4.31
N GLU A 291 16.65 6.48 4.21
CA GLU A 291 17.26 7.51 5.04
C GLU A 291 16.54 8.83 4.80
N SER A 292 15.89 8.92 3.65
CA SER A 292 15.15 10.10 3.24
C SER A 292 13.69 10.19 3.75
N ALA A 293 13.18 9.12 4.34
CA ALA A 293 11.80 9.07 4.85
C ALA A 293 11.41 10.20 5.80
N LYS A 294 10.15 10.64 5.73
CA LYS A 294 9.67 11.70 6.61
C LYS A 294 8.82 11.18 7.78
N LYS A 295 8.26 9.99 7.63
CA LYS A 295 7.40 9.39 8.63
C LYS A 295 7.70 7.90 8.68
N SER A 296 7.55 7.32 9.86
CA SER A 296 7.83 5.90 10.06
C SER A 296 7.04 5.38 11.29
N ALA A 297 6.43 4.21 11.15
CA ALA A 297 5.68 3.60 12.26
C ALA A 297 5.90 2.09 12.22
N LEU A 298 6.00 1.48 13.39
CA LEU A 298 6.22 0.05 13.41
C LEU A 298 5.52 -0.59 14.61
N SER A 299 4.89 -1.72 14.35
CA SER A 299 4.18 -2.44 15.37
C SER A 299 4.78 -3.81 15.49
N ILE A 300 4.80 -4.32 16.71
CA ILE A 300 5.27 -5.67 16.98
C ILE A 300 4.07 -6.38 17.58
N VAL A 301 3.85 -7.62 17.20
CA VAL A 301 2.71 -8.33 17.73
C VAL A 301 3.13 -9.74 18.11
N THR A 302 2.74 -10.15 19.32
CA THR A 302 3.02 -11.49 19.75
C THR A 302 2.01 -11.94 20.82
N SER A 303 2.25 -13.12 21.38
CA SER A 303 1.35 -13.71 22.38
C SER A 303 1.53 -13.09 23.74
N PRO A 304 0.56 -13.29 24.65
CA PRO A 304 0.64 -12.74 26.01
C PRO A 304 1.89 -13.26 26.75
N LEU A 305 2.18 -14.55 26.60
CA LEU A 305 3.32 -15.13 27.28
C LEU A 305 4.63 -14.51 26.79
N ARG A 306 4.76 -14.43 25.47
CA ARG A 306 5.96 -13.89 24.84
C ARG A 306 6.09 -12.41 25.12
N ALA A 307 4.99 -11.67 24.98
CA ALA A 307 4.98 -10.22 25.21
C ALA A 307 5.58 -9.85 26.56
N GLY A 308 5.16 -10.56 27.61
CA GLY A 308 5.64 -10.28 28.94
C GLY A 308 7.15 -10.34 29.12
N ARG A 309 7.80 -11.20 28.38
CA ARG A 309 9.23 -11.35 28.48
C ARG A 309 9.97 -10.55 27.41
N LEU A 310 9.31 -10.29 26.29
CA LEU A 310 9.97 -9.57 25.20
C LEU A 310 9.94 -8.05 25.33
N TYR A 311 8.79 -7.50 25.71
CA TYR A 311 8.62 -6.07 25.80
C TYR A 311 9.23 -5.36 27.03
N ASN A 312 10.55 -5.24 27.03
CA ASN A 312 11.22 -4.54 28.12
C ASN A 312 12.08 -3.45 27.47
N PHE A 313 12.62 -2.55 28.27
CA PHE A 313 13.45 -1.47 27.75
C PHE A 313 14.61 -1.91 26.86
N SER A 314 15.30 -2.99 27.23
CA SER A 314 16.44 -3.47 26.44
C SER A 314 16.07 -3.66 24.97
N PHE A 315 15.03 -4.45 24.73
CA PHE A 315 14.52 -4.73 23.38
C PHE A 315 13.95 -3.50 22.69
N LEU A 316 13.04 -2.80 23.39
CA LEU A 316 12.38 -1.66 22.78
C LEU A 316 13.33 -0.51 22.47
N ASN A 317 14.28 -0.27 23.38
CA ASN A 317 15.28 0.77 23.17
C ASN A 317 16.20 0.35 22.01
N GLN A 318 16.55 -0.93 21.97
CA GLN A 318 17.42 -1.40 20.89
C GLN A 318 16.73 -1.21 19.55
N MSE A 319 15.42 -1.48 19.52
CA MSE A 319 14.61 -1.33 18.31
C MSE A 319 14.52 0.13 17.89
O MSE A 319 14.65 0.46 16.71
CB MSE A 319 13.19 -1.85 18.57
CG MSE A 319 13.06 -3.37 18.56
SE MSE A 319 13.18 -4.01 16.76
CE MSE A 319 11.35 -3.63 16.26
N GLU A 320 14.31 1.01 18.86
CA GLU A 320 14.19 2.43 18.58
C GLU A 320 15.47 3.01 17.97
N ASN A 321 16.61 2.62 18.50
CA ASN A 321 17.88 3.10 18.00
C ASN A 321 18.14 2.59 16.58
N PHE A 322 17.83 1.32 16.35
CA PHE A 322 18.04 0.76 15.01
C PHE A 322 17.25 1.55 13.98
N LEU A 323 15.95 1.70 14.22
CA LEU A 323 15.09 2.45 13.31
C LEU A 323 15.48 3.92 13.18
N LYS A 324 15.85 4.55 14.29
CA LYS A 324 16.25 5.95 14.24
C LYS A 324 17.39 6.17 13.25
N GLU A 325 18.40 5.30 13.30
CA GLU A 325 19.55 5.45 12.42
C GLU A 325 19.22 5.17 10.96
N ARG A 326 18.16 4.42 10.72
CA ARG A 326 17.80 4.13 9.35
C ARG A 326 16.90 5.19 8.71
N THR A 327 16.12 5.89 9.53
CA THR A 327 15.25 6.96 9.04
C THR A 327 15.53 8.14 9.98
N PRO A 328 16.72 8.75 9.82
CA PRO A 328 17.17 9.88 10.64
C PRO A 328 16.34 11.15 10.63
N TYR A 329 15.63 11.43 9.55
CA TYR A 329 14.83 12.65 9.50
C TYR A 329 13.39 12.49 9.95
N VAL A 330 13.02 11.31 10.42
CA VAL A 330 11.65 11.11 10.89
C VAL A 330 11.51 11.76 12.26
N ASP A 331 10.60 12.73 12.39
CA ASP A 331 10.41 13.43 13.66
C ASP A 331 10.14 12.46 14.80
N GLU A 332 9.00 11.78 14.72
CA GLU A 332 8.61 10.80 15.73
C GLU A 332 8.23 9.48 15.06
N ARG A 333 8.98 8.43 15.35
CA ARG A 333 8.72 7.11 14.78
C ARG A 333 8.31 6.18 15.92
N PRO A 334 7.00 5.95 16.07
CA PRO A 334 6.57 5.06 17.15
C PRO A 334 6.88 3.57 17.00
N ILE A 335 7.37 2.97 18.08
CA ILE A 335 7.65 1.54 18.15
C ILE A 335 6.51 1.11 19.08
N ALA A 336 5.49 0.49 18.51
CA ALA A 336 4.30 0.11 19.26
C ALA A 336 4.17 -1.39 19.55
N PRO A 337 4.36 -1.80 20.81
CA PRO A 337 4.24 -3.22 21.13
C PRO A 337 2.79 -3.66 21.34
N TYR A 338 2.40 -4.75 20.69
CA TYR A 338 1.04 -5.23 20.85
C TYR A 338 1.00 -6.69 21.26
N VAL A 339 -0.14 -7.10 21.79
CA VAL A 339 -0.39 -8.48 22.20
C VAL A 339 -1.64 -8.98 21.43
N ASN A 340 -1.53 -10.15 20.82
CA ASN A 340 -2.71 -10.72 20.17
C ASN A 340 -3.22 -11.73 21.19
N LYS A 341 -4.21 -11.31 21.96
CA LYS A 341 -4.81 -12.16 22.99
C LYS A 341 -5.42 -13.45 22.45
N HIS A 342 -5.60 -13.55 21.15
CA HIS A 342 -6.18 -14.73 20.53
C HIS A 342 -5.17 -15.68 19.91
N THR A 343 -3.89 -15.44 20.18
CA THR A 343 -2.81 -16.28 19.65
C THR A 343 -2.91 -17.73 20.13
N THR A 344 -2.86 -18.68 19.19
CA THR A 344 -2.95 -20.09 19.54
C THR A 344 -1.65 -20.59 20.14
N LYS A 345 -1.68 -21.79 20.72
CA LYS A 345 -0.48 -22.36 21.32
C LYS A 345 0.63 -22.52 20.27
N LYS A 346 0.22 -22.88 19.06
CA LYS A 346 1.18 -23.08 17.98
C LYS A 346 1.85 -21.78 17.54
N GLU A 347 1.12 -20.68 17.59
CA GLU A 347 1.66 -19.37 17.19
C GLU A 347 2.27 -18.62 18.37
N GLU A 348 2.25 -19.24 19.55
CA GLU A 348 2.76 -18.63 20.78
C GLU A 348 4.15 -17.98 20.76
N ASP A 349 5.13 -18.64 20.15
CA ASP A 349 6.49 -18.14 20.09
C ASP A 349 6.79 -17.25 18.88
N ILE A 350 5.76 -16.98 18.08
CA ILE A 350 5.94 -16.15 16.90
C ILE A 350 5.83 -14.65 17.24
N VAL A 351 6.72 -13.85 16.66
CA VAL A 351 6.74 -12.40 16.87
C VAL A 351 6.63 -11.78 15.45
N LYS A 352 5.63 -10.94 15.25
CA LYS A 352 5.41 -10.32 13.96
C LYS A 352 5.71 -8.82 13.99
N PHE A 353 6.34 -8.32 12.92
CA PHE A 353 6.68 -6.91 12.81
C PHE A 353 5.95 -6.36 11.59
N TYR A 354 5.31 -5.21 11.77
CA TYR A 354 4.58 -4.56 10.68
C TYR A 354 5.14 -3.14 10.60
N SER A 355 5.73 -2.79 9.48
CA SER A 355 6.31 -1.46 9.32
C SER A 355 5.71 -0.63 8.20
N VAL A 356 5.60 0.66 8.45
CA VAL A 356 5.15 1.56 7.40
C VAL A 356 6.16 2.71 7.34
N VAL A 357 6.71 2.98 6.16
CA VAL A 357 7.65 4.11 6.04
C VAL A 357 7.11 5.00 4.92
N ALA A 358 6.93 6.30 5.19
CA ALA A 358 6.35 7.22 4.21
C ALA A 358 7.22 8.43 3.90
N GLY A 359 6.83 9.16 2.86
CA GLY A 359 7.56 10.35 2.45
C GLY A 359 8.86 9.99 1.76
N LEU A 360 8.89 8.82 1.09
CA LEU A 360 10.07 8.35 0.40
C LEU A 360 10.16 9.02 -0.97
N PRO A 361 11.36 9.09 -1.55
CA PRO A 361 11.53 9.71 -2.87
C PRO A 361 11.04 8.74 -3.94
N LEU A 362 10.83 9.23 -5.16
CA LEU A 362 10.43 8.36 -6.26
C LEU A 362 11.66 7.52 -6.57
N PRO A 363 11.47 6.30 -7.08
CA PRO A 363 12.62 5.44 -7.40
C PRO A 363 13.37 5.93 -8.64
N LYS A 364 14.69 5.74 -8.62
CA LYS A 364 15.60 6.15 -9.70
C LYS A 364 15.06 6.00 -11.12
N ARG A 365 14.56 4.81 -11.45
CA ARG A 365 14.00 4.54 -12.77
C ARG A 365 12.99 5.60 -13.20
N VAL A 366 12.09 5.97 -12.29
CA VAL A 366 11.09 6.99 -12.56
C VAL A 366 11.74 8.38 -12.51
N SER A 367 12.49 8.63 -11.45
CA SER A 367 13.17 9.91 -11.25
C SER A 367 14.10 10.33 -12.39
N ASP A 368 14.75 9.37 -13.04
CA ASP A 368 15.64 9.72 -14.14
C ASP A 368 14.78 10.19 -15.32
N ILE A 369 13.63 9.54 -15.52
CA ILE A 369 12.74 9.90 -16.61
C ILE A 369 12.20 11.30 -16.43
N ILE A 370 11.88 11.66 -15.19
CA ILE A 370 11.35 13.00 -14.93
C ILE A 370 12.42 14.05 -15.21
N ASP A 371 13.64 13.78 -14.77
CA ASP A 371 14.74 14.72 -14.99
C ASP A 371 14.97 14.90 -16.50
N GLU A 372 14.88 13.81 -17.26
CA GLU A 372 15.04 13.92 -18.71
C GLU A 372 14.00 14.87 -19.29
N ILE A 373 12.77 14.78 -18.79
CA ILE A 373 11.68 15.63 -19.26
C ILE A 373 11.92 17.09 -18.87
N THR A 374 12.49 17.33 -17.70
CA THR A 374 12.78 18.70 -17.27
C THR A 374 13.83 19.29 -18.23
N ARG A 375 14.88 18.53 -18.51
CA ARG A 375 15.92 19.00 -19.43
C ARG A 375 15.29 19.39 -20.75
N ILE A 376 14.61 18.44 -21.38
CA ILE A 376 13.94 18.67 -22.65
C ILE A 376 12.99 19.84 -22.51
#